data_8H91
#
_entry.id   8H91
#
_cell.length_a   57.366
_cell.length_b   57.366
_cell.length_c   444.072
_cell.angle_alpha   90.000
_cell.angle_beta   90.000
_cell.angle_gamma   90.000
#
_symmetry.space_group_name_H-M   'P 41 21 2'
#
loop_
_entity.id
_entity.type
_entity.pdbx_description
1 polymer 'Spike protein S1'
2 polymer nanobody
#
loop_
_entity_poly.entity_id
_entity_poly.type
_entity_poly.pdbx_seq_one_letter_code
_entity_poly.pdbx_strand_id
1 'polypeptide(L)'
;NLCPFGEVFNATRFASVYAWNRKRISNCVADYSVLYNSASFSTFKCYGVSPTKLNDLCFTNVYADSFVIRGDEVRQIAPG
QTGKIADYNYKLPDDFTGCVIAWNSNNLDSKVGGNYNYLYRLFRKSNLKPFERDISTEIYQAGSTPCNGVEGFNCYFPLQ
SYGFQPTNGVGYQPYRVVVLSFELLHAPATVCGP
;
A,B
2 'polypeptide(L)'
;QLQLVESGGGLVQAGGSLRLSCAASGGTFSRSGWFRQAPGKEREFVAAISRADVGFPNYADSVKGRFTISRDNAKNTVYL
QMNSLKPEDTAVYYCAATSLQSGKYDYWGQGTQVTVS
;
C,D
#
# COMPACT_ATOMS: atom_id res chain seq x y z
N ASN A 1 4.40 21.45 -13.17
CA ASN A 1 5.09 20.64 -14.16
C ASN A 1 4.28 19.43 -14.57
N LEU A 2 4.69 18.25 -14.12
CA LEU A 2 4.14 17.00 -14.61
C LEU A 2 3.10 16.44 -13.63
N CYS A 3 2.01 15.89 -14.19
CA CYS A 3 0.85 15.51 -13.39
C CYS A 3 1.14 14.32 -12.48
N PRO A 4 0.54 14.29 -11.29
CA PRO A 4 0.87 13.28 -10.29
C PRO A 4 -0.04 12.03 -10.38
N PHE A 5 -0.04 11.39 -11.54
CA PHE A 5 -0.87 10.19 -11.69
C PHE A 5 -0.39 9.08 -10.78
N GLY A 6 0.94 8.91 -10.65
CA GLY A 6 1.47 7.94 -9.71
C GLY A 6 0.84 8.06 -8.34
N GLU A 7 0.66 9.30 -7.86
CA GLU A 7 -0.06 9.57 -6.62
C GLU A 7 -1.46 8.99 -6.64
N VAL A 8 -1.99 8.62 -7.80
CA VAL A 8 -3.36 8.14 -7.92
C VAL A 8 -3.41 6.66 -8.26
N PHE A 9 -2.58 6.23 -9.22
CA PHE A 9 -2.58 4.83 -9.63
C PHE A 9 -1.68 3.99 -8.73
N ASN A 10 -0.51 4.51 -8.38
CA ASN A 10 0.41 3.77 -7.54
C ASN A 10 0.10 4.01 -6.07
N ALA A 11 -1.13 4.43 -5.77
CA ALA A 11 -1.57 4.56 -4.40
C ALA A 11 -1.45 3.24 -3.67
N THR A 12 -1.56 3.29 -2.36
CA THR A 12 -1.31 2.11 -1.53
C THR A 12 -2.59 1.38 -1.16
N ARG A 13 -3.59 2.10 -0.65
CA ARG A 13 -4.93 1.55 -0.49
C ARG A 13 -5.91 2.42 -1.29
N PHE A 14 -6.85 1.78 -1.98
CA PHE A 14 -7.91 2.43 -2.75
C PHE A 14 -9.19 2.53 -1.92
N ALA A 15 -10.19 3.24 -2.45
CA ALA A 15 -11.43 3.43 -1.72
C ALA A 15 -12.41 2.31 -2.02
N SER A 16 -13.35 2.12 -1.10
CA SER A 16 -14.55 1.37 -1.43
C SER A 16 -15.36 2.15 -2.45
N VAL A 17 -15.97 1.43 -3.39
CA VAL A 17 -16.71 2.10 -4.46
C VAL A 17 -17.76 3.04 -3.88
N TYR A 18 -18.48 2.62 -2.82
CA TYR A 18 -19.52 3.46 -2.25
C TYR A 18 -18.97 4.78 -1.74
N ALA A 19 -17.68 4.83 -1.38
CA ALA A 19 -17.06 6.04 -0.86
C ALA A 19 -15.85 6.44 -1.69
N TRP A 20 -16.07 6.64 -2.99
CA TRP A 20 -14.99 6.63 -3.98
C TRP A 20 -14.13 7.89 -3.92
N ASN A 21 -12.81 7.72 -3.93
CA ASN A 21 -11.90 8.86 -3.93
C ASN A 21 -11.99 9.66 -5.21
N ARG A 22 -11.96 10.97 -5.07
CA ARG A 22 -11.82 11.87 -6.20
C ARG A 22 -10.66 12.80 -5.92
N LYS A 23 -9.77 12.95 -6.88
CA LYS A 23 -8.70 13.92 -6.76
C LYS A 23 -8.75 14.84 -7.97
N ARG A 24 -8.73 16.15 -7.72
CA ARG A 24 -8.66 17.13 -8.79
C ARG A 24 -7.23 17.30 -9.24
N ILE A 25 -7.05 17.48 -10.55
CA ILE A 25 -5.77 17.52 -11.24
C ILE A 25 -5.69 18.85 -11.95
N SER A 26 -4.59 19.58 -11.78
CA SER A 26 -4.51 20.90 -12.39
C SER A 26 -3.09 21.41 -12.36
N ASN A 27 -2.85 22.44 -13.18
CA ASN A 27 -1.57 23.14 -13.19
C ASN A 27 -0.42 22.17 -13.46
N CYS A 28 -0.64 21.27 -14.41
CA CYS A 28 0.36 20.26 -14.74
C CYS A 28 0.23 19.86 -16.20
N VAL A 29 1.23 19.11 -16.68
CA VAL A 29 1.27 18.58 -18.04
C VAL A 29 1.03 17.07 -17.97
N ALA A 30 0.16 16.55 -18.83
CA ALA A 30 -0.24 15.15 -18.74
C ALA A 30 0.10 14.42 -20.03
N ASP A 31 1.03 13.48 -19.95
CA ASP A 31 1.26 12.55 -21.03
C ASP A 31 0.40 11.31 -20.79
N TYR A 32 -0.58 11.08 -21.64
CA TYR A 32 -1.44 9.91 -21.47
C TYR A 32 -0.91 8.68 -22.21
N SER A 33 0.07 8.83 -23.08
CA SER A 33 0.79 7.66 -23.56
C SER A 33 1.82 7.18 -22.54
N VAL A 34 2.00 7.92 -21.45
CA VAL A 34 2.71 7.40 -20.29
C VAL A 34 1.93 6.19 -19.81
N LEU A 35 0.72 6.41 -19.29
CA LEU A 35 -0.16 5.33 -18.88
C LEU A 35 -0.35 4.26 -19.96
N TYR A 36 -1.21 4.55 -20.94
CA TYR A 36 -1.79 3.50 -21.78
C TYR A 36 -0.74 2.64 -22.44
N ASN A 37 0.49 3.11 -22.57
CA ASN A 37 1.59 2.32 -23.09
C ASN A 37 2.39 1.65 -21.99
N SER A 38 1.95 1.76 -20.75
CA SER A 38 2.62 1.20 -19.58
C SER A 38 1.62 0.41 -18.75
N ALA A 39 2.14 -0.20 -17.69
CA ALA A 39 1.38 -0.53 -16.50
C ALA A 39 0.47 -1.75 -16.64
N SER A 40 0.19 -2.22 -17.85
CA SER A 40 -0.59 -3.44 -18.07
C SER A 40 -1.97 -3.40 -17.40
N PHE A 41 -2.81 -2.47 -17.87
CA PHE A 41 -4.20 -2.45 -17.49
C PHE A 41 -4.98 -3.51 -18.27
N SER A 42 -6.21 -3.74 -17.82
CA SER A 42 -7.19 -4.63 -18.43
C SER A 42 -8.17 -3.89 -19.32
N THR A 43 -8.63 -2.73 -18.84
CA THR A 43 -9.58 -1.84 -19.50
C THR A 43 -8.95 -0.47 -19.64
N PHE A 44 -9.13 0.17 -20.79
CA PHE A 44 -8.71 1.55 -21.00
C PHE A 44 -9.61 2.15 -22.10
N LYS A 45 -10.91 2.18 -21.86
CA LYS A 45 -11.81 2.80 -22.82
C LYS A 45 -11.85 4.32 -22.61
N CYS A 46 -12.18 5.04 -23.70
CA CYS A 46 -12.55 6.46 -23.62
C CYS A 46 -13.84 6.68 -24.40
N TYR A 47 -14.69 7.53 -23.85
CA TYR A 47 -16.00 7.86 -24.39
C TYR A 47 -16.00 9.32 -24.79
N GLY A 48 -16.31 9.61 -26.06
CA GLY A 48 -16.38 10.98 -26.54
C GLY A 48 -15.06 11.60 -26.93
N VAL A 49 -13.96 10.88 -26.73
CA VAL A 49 -12.60 11.30 -27.05
C VAL A 49 -11.86 10.09 -27.55
N SER A 50 -10.95 10.28 -28.50
CA SER A 50 -10.12 9.15 -28.96
C SER A 50 -8.84 9.05 -28.10
N PRO A 51 -8.51 7.88 -27.54
CA PRO A 51 -7.28 7.74 -26.73
C PRO A 51 -5.99 8.25 -27.37
N THR A 52 -5.84 8.10 -28.70
CA THR A 52 -4.71 8.73 -29.39
C THR A 52 -4.65 10.23 -29.08
N LYS A 53 -5.72 10.95 -29.41
CA LYS A 53 -5.79 12.40 -29.39
C LYS A 53 -5.77 13.01 -27.99
N LEU A 54 -5.60 12.21 -26.94
CA LEU A 54 -5.60 12.76 -25.59
C LEU A 54 -4.48 13.76 -25.39
N ASN A 55 -3.29 13.44 -25.89
CA ASN A 55 -2.15 14.30 -25.63
C ASN A 55 -2.38 15.72 -26.14
N ASP A 56 -3.23 15.89 -27.15
CA ASP A 56 -3.40 17.15 -27.87
C ASP A 56 -4.46 18.07 -27.27
N LEU A 57 -5.13 17.64 -26.21
CA LEU A 57 -6.24 18.37 -25.63
C LEU A 57 -5.74 19.27 -24.52
N CYS A 58 -6.62 20.14 -24.05
CA CYS A 58 -6.32 20.97 -22.89
C CYS A 58 -7.60 21.19 -22.12
N PHE A 59 -7.52 21.06 -20.79
CA PHE A 59 -8.69 21.15 -19.92
C PHE A 59 -8.43 22.11 -18.80
N THR A 60 -9.51 22.56 -18.18
CA THR A 60 -9.40 23.42 -17.02
C THR A 60 -8.97 22.62 -15.80
N ASN A 61 -9.71 21.55 -15.50
CA ASN A 61 -9.33 20.59 -14.47
C ASN A 61 -9.54 19.20 -15.03
N VAL A 62 -8.91 18.23 -14.38
CA VAL A 62 -9.15 16.82 -14.63
C VAL A 62 -9.43 16.18 -13.30
N TYR A 63 -10.52 15.43 -13.22
CA TYR A 63 -10.90 14.79 -11.97
C TYR A 63 -10.67 13.30 -12.11
N ALA A 64 -9.86 12.74 -11.22
CA ALA A 64 -9.58 11.31 -11.22
C ALA A 64 -10.34 10.67 -10.06
N ASP A 65 -11.33 9.83 -10.37
CA ASP A 65 -12.06 9.11 -9.33
C ASP A 65 -11.57 7.67 -9.30
N SER A 66 -11.06 7.25 -8.16
CA SER A 66 -10.45 5.93 -8.01
C SER A 66 -11.19 5.13 -6.96
N PHE A 67 -11.52 3.89 -7.30
CA PHE A 67 -12.14 3.00 -6.34
C PHE A 67 -11.88 1.57 -6.78
N VAL A 68 -12.50 0.62 -6.07
CA VAL A 68 -12.29 -0.81 -6.26
C VAL A 68 -13.62 -1.54 -6.21
N ILE A 69 -13.75 -2.57 -7.06
CA ILE A 69 -14.94 -3.39 -7.27
C ILE A 69 -14.47 -4.74 -7.81
N ARG A 70 -15.36 -5.73 -7.88
CA ARG A 70 -14.95 -7.00 -8.45
C ARG A 70 -15.18 -6.98 -9.95
N GLY A 71 -14.54 -7.92 -10.63
CA GLY A 71 -14.31 -7.77 -12.07
C GLY A 71 -15.56 -7.78 -12.93
N ASP A 72 -16.53 -8.64 -12.58
CA ASP A 72 -17.77 -8.69 -13.34
C ASP A 72 -18.56 -7.38 -13.27
N GLU A 73 -18.33 -6.56 -12.23
CA GLU A 73 -18.99 -5.28 -12.10
C GLU A 73 -18.33 -4.16 -12.90
N VAL A 74 -17.12 -4.39 -13.44
CA VAL A 74 -16.45 -3.34 -14.20
C VAL A 74 -17.26 -2.94 -15.43
N ARG A 75 -18.04 -3.87 -15.99
CA ARG A 75 -18.87 -3.49 -17.12
C ARG A 75 -19.91 -2.40 -16.79
N GLN A 76 -20.17 -2.11 -15.51
CA GLN A 76 -21.16 -1.10 -15.17
C GLN A 76 -20.55 0.28 -14.98
N ILE A 77 -19.26 0.42 -15.19
CA ILE A 77 -18.62 1.72 -15.04
C ILE A 77 -18.52 2.32 -16.42
N ALA A 78 -19.67 2.55 -17.03
CA ALA A 78 -19.75 2.96 -18.42
C ALA A 78 -21.10 3.66 -18.60
N PRO A 79 -21.18 4.61 -19.53
CA PRO A 79 -22.40 5.41 -19.63
C PRO A 79 -23.61 4.55 -19.91
N GLY A 80 -24.73 4.92 -19.29
CA GLY A 80 -25.94 4.16 -19.45
C GLY A 80 -25.76 2.69 -19.12
N GLN A 81 -25.20 2.40 -17.96
CA GLN A 81 -25.22 1.04 -17.48
C GLN A 81 -26.03 0.97 -16.21
N THR A 82 -26.37 -0.24 -15.82
CA THR A 82 -27.17 -0.45 -14.62
C THR A 82 -26.77 -1.75 -13.95
N GLY A 83 -27.07 -1.81 -12.65
CA GLY A 83 -26.58 -2.84 -11.75
C GLY A 83 -26.38 -2.20 -10.39
N LYS A 84 -26.04 -3.01 -9.38
CA LYS A 84 -25.92 -2.48 -8.03
C LYS A 84 -24.80 -1.48 -7.89
N ILE A 85 -23.85 -1.46 -8.82
CA ILE A 85 -22.77 -0.49 -8.72
C ILE A 85 -23.16 0.81 -9.39
N ALA A 86 -23.73 0.73 -10.58
CA ALA A 86 -24.08 1.95 -11.30
C ALA A 86 -25.33 2.59 -10.73
N ASP A 87 -26.15 1.86 -9.99
CA ASP A 87 -27.32 2.44 -9.38
C ASP A 87 -27.04 2.96 -7.97
N TYR A 88 -26.27 2.24 -7.19
CA TYR A 88 -26.15 2.58 -5.79
C TYR A 88 -24.78 3.07 -5.40
N ASN A 89 -23.79 3.01 -6.30
CA ASN A 89 -22.46 3.35 -5.81
C ASN A 89 -21.75 4.39 -6.67
N TYR A 90 -21.68 4.22 -7.98
CA TYR A 90 -21.01 5.19 -8.85
C TYR A 90 -21.72 5.21 -10.21
N LYS A 91 -22.43 6.29 -10.54
CA LYS A 91 -23.14 6.39 -11.83
C LYS A 91 -22.41 7.33 -12.79
N LEU A 92 -22.07 6.81 -13.99
CA LEU A 92 -21.66 7.66 -15.09
C LEU A 92 -22.89 8.25 -15.81
N PRO A 93 -22.82 9.51 -16.24
CA PRO A 93 -23.93 10.11 -16.97
C PRO A 93 -23.93 9.59 -18.39
N ASP A 94 -25.06 9.79 -19.07
CA ASP A 94 -25.24 9.13 -20.37
C ASP A 94 -24.44 9.82 -21.47
N ASP A 95 -24.20 11.12 -21.36
CA ASP A 95 -23.32 11.88 -22.26
C ASP A 95 -21.90 11.97 -21.74
N PHE A 96 -21.36 10.87 -21.23
CA PHE A 96 -20.10 10.94 -20.50
C PHE A 96 -18.94 11.20 -21.44
N THR A 97 -18.07 12.11 -21.04
CA THR A 97 -16.83 12.30 -21.79
C THR A 97 -15.65 12.16 -20.85
N GLY A 98 -14.94 11.05 -20.99
CA GLY A 98 -13.78 10.80 -20.16
C GLY A 98 -13.23 9.44 -20.49
N CYS A 99 -12.40 8.90 -19.60
CA CYS A 99 -11.79 7.59 -19.82
C CYS A 99 -12.02 6.74 -18.59
N VAL A 100 -12.03 5.42 -18.79
CA VAL A 100 -12.24 4.46 -17.72
C VAL A 100 -11.12 3.43 -17.81
N ILE A 101 -10.29 3.40 -16.77
CA ILE A 101 -9.14 2.52 -16.71
C ILE A 101 -9.33 1.53 -15.57
N ALA A 102 -8.87 0.30 -15.77
CA ALA A 102 -9.05 -0.74 -14.75
C ALA A 102 -7.95 -1.76 -14.88
N TRP A 103 -7.65 -2.42 -13.77
CA TRP A 103 -6.71 -3.52 -13.78
C TRP A 103 -7.07 -4.49 -12.67
N ASN A 104 -6.56 -5.72 -12.79
CA ASN A 104 -6.76 -6.73 -11.78
C ASN A 104 -5.85 -6.44 -10.60
N SER A 105 -6.41 -6.45 -9.40
CA SER A 105 -5.57 -6.21 -8.24
C SER A 105 -5.71 -7.33 -7.21
N ASN A 106 -5.91 -8.56 -7.69
CA ASN A 106 -5.85 -9.70 -6.79
C ASN A 106 -4.57 -9.69 -5.99
N ASN A 107 -3.43 -9.49 -6.67
CA ASN A 107 -2.10 -9.53 -6.04
C ASN A 107 -2.02 -8.65 -4.80
N LEU A 108 -3.05 -7.91 -4.51
CA LEU A 108 -2.89 -6.74 -3.69
C LEU A 108 -4.09 -6.45 -2.80
N ASP A 109 -5.30 -6.90 -3.16
CA ASP A 109 -6.49 -6.57 -2.40
C ASP A 109 -7.22 -7.79 -1.84
N SER A 110 -6.72 -9.01 -2.05
CA SER A 110 -7.37 -10.20 -1.52
C SER A 110 -6.47 -10.91 -0.53
N LYS A 111 -7.04 -11.29 0.61
CA LYS A 111 -6.36 -11.90 1.73
C LYS A 111 -6.69 -13.40 1.80
N VAL A 112 -5.73 -14.20 2.27
CA VAL A 112 -5.87 -15.65 2.17
C VAL A 112 -7.07 -16.16 2.97
N GLY A 113 -7.41 -15.52 4.08
CA GLY A 113 -8.68 -15.79 4.72
C GLY A 113 -9.81 -14.91 4.23
N GLY A 114 -9.60 -14.15 3.16
CA GLY A 114 -10.60 -13.23 2.65
C GLY A 114 -10.58 -11.85 3.27
N ASN A 115 -10.19 -10.84 2.51
CA ASN A 115 -10.30 -9.44 2.92
C ASN A 115 -11.73 -8.95 2.80
N TYR A 116 -12.17 -8.17 3.78
CA TYR A 116 -13.56 -7.72 3.82
C TYR A 116 -13.66 -6.21 3.99
N ASN A 117 -12.60 -5.46 3.70
CA ASN A 117 -12.59 -4.03 3.98
C ASN A 117 -13.09 -3.19 2.81
N TYR A 118 -13.36 -3.81 1.67
CA TYR A 118 -14.00 -3.12 0.57
C TYR A 118 -15.49 -3.42 0.61
N LEU A 119 -16.28 -2.36 0.63
CA LEU A 119 -17.72 -2.47 0.71
C LEU A 119 -18.36 -1.88 -0.54
N TYR A 120 -19.66 -2.15 -0.68
CA TYR A 120 -20.51 -1.46 -1.64
C TYR A 120 -21.89 -1.33 -0.99
N ARG A 121 -22.68 -0.40 -1.51
CA ARG A 121 -24.04 -0.17 -1.05
C ARG A 121 -24.97 -1.15 -1.74
N LEU A 122 -25.84 -1.83 -0.98
CA LEU A 122 -26.76 -2.77 -1.62
C LEU A 122 -28.21 -2.28 -1.64
N PHE A 123 -28.58 -1.35 -0.78
CA PHE A 123 -29.94 -0.94 -0.66
C PHE A 123 -30.00 0.57 -0.73
N ARG A 124 -31.01 1.07 -1.43
CA ARG A 124 -31.26 2.49 -1.57
C ARG A 124 -32.68 2.70 -2.06
N LYS A 125 -33.22 3.87 -1.75
CA LYS A 125 -34.53 4.21 -2.30
C LYS A 125 -34.43 4.63 -3.76
N SER A 126 -33.53 5.56 -4.08
CA SER A 126 -33.45 6.13 -5.41
C SER A 126 -32.14 5.77 -6.09
N ASN A 127 -32.14 5.77 -7.43
CA ASN A 127 -30.90 5.61 -8.18
C ASN A 127 -30.03 6.87 -8.07
N LEU A 128 -28.72 6.67 -7.95
CA LEU A 128 -27.79 7.79 -7.83
C LEU A 128 -27.82 8.62 -9.10
N LYS A 129 -27.71 9.93 -8.92
CA LYS A 129 -27.46 10.81 -10.05
C LYS A 129 -26.00 10.68 -10.47
N PRO A 130 -25.67 11.13 -11.68
CA PRO A 130 -24.28 11.01 -12.16
C PRO A 130 -23.31 11.76 -11.26
N PHE A 131 -22.24 11.07 -10.89
CA PHE A 131 -21.18 11.60 -10.04
C PHE A 131 -21.67 11.93 -8.63
N GLU A 132 -22.82 11.38 -8.26
CA GLU A 132 -23.29 11.50 -6.91
C GLU A 132 -22.49 10.53 -6.05
N ARG A 133 -22.28 10.92 -4.78
CA ARG A 133 -21.66 10.09 -3.76
C ARG A 133 -22.65 9.97 -2.62
N ASP A 134 -22.86 8.76 -2.12
CA ASP A 134 -23.72 8.53 -0.97
C ASP A 134 -22.99 7.64 0.01
N ILE A 135 -22.87 8.09 1.25
CA ILE A 135 -22.12 7.37 2.27
C ILE A 135 -22.91 7.31 3.57
N SER A 136 -24.19 7.64 3.54
CA SER A 136 -24.94 7.53 4.78
C SER A 136 -25.02 6.05 5.17
N THR A 137 -25.19 5.80 6.47
CA THR A 137 -25.27 4.45 6.98
C THR A 137 -26.62 4.15 7.62
N GLU A 138 -27.64 4.94 7.28
CA GLU A 138 -28.96 4.71 7.86
C GLU A 138 -29.45 3.32 7.49
N ILE A 139 -30.27 2.75 8.36
CA ILE A 139 -30.84 1.44 8.06
C ILE A 139 -31.86 1.56 6.93
N TYR A 140 -31.64 0.80 5.85
CA TYR A 140 -32.58 0.80 4.74
C TYR A 140 -33.92 0.25 5.21
N GLN A 141 -34.99 1.01 4.97
CA GLN A 141 -36.34 0.56 5.31
C GLN A 141 -36.98 -0.09 4.09
N ALA A 142 -37.27 -1.39 4.20
CA ALA A 142 -37.79 -2.16 3.09
C ALA A 142 -39.30 -2.38 3.15
N GLY A 143 -39.91 -2.32 4.32
CA GLY A 143 -41.33 -2.59 4.41
C GLY A 143 -42.16 -1.50 5.06
N SER A 144 -43.36 -1.87 5.53
CA SER A 144 -44.23 -0.91 6.22
C SER A 144 -43.58 -0.38 7.50
N THR A 145 -42.95 -1.26 8.26
CA THR A 145 -42.45 -0.85 9.57
C THR A 145 -41.23 0.06 9.43
N PRO A 146 -41.21 1.19 10.14
CA PRO A 146 -39.99 1.98 10.21
C PRO A 146 -38.95 1.29 11.06
N CYS A 147 -37.70 1.67 10.86
CA CYS A 147 -36.62 0.87 11.44
C CYS A 147 -36.12 1.41 12.76
N ASN A 148 -36.16 2.73 12.96
CA ASN A 148 -35.66 3.32 14.20
C ASN A 148 -34.21 2.92 14.43
N GLY A 149 -33.42 2.98 13.37
CA GLY A 149 -31.99 2.77 13.47
C GLY A 149 -31.58 1.39 13.92
N VAL A 150 -32.37 0.39 13.59
CA VAL A 150 -32.19 -0.96 14.13
C VAL A 150 -32.43 -1.99 13.03
N GLU A 151 -31.47 -2.87 12.82
CA GLU A 151 -31.61 -3.92 11.84
C GLU A 151 -32.55 -5.01 12.35
N GLY A 152 -32.79 -5.96 11.49
CA GLY A 152 -33.81 -6.97 11.69
C GLY A 152 -34.54 -7.20 10.39
N PHE A 153 -35.73 -7.76 10.52
CA PHE A 153 -36.53 -8.10 9.35
C PHE A 153 -36.86 -6.82 8.60
N ASN A 154 -36.70 -6.85 7.28
CA ASN A 154 -37.06 -5.75 6.38
C ASN A 154 -36.35 -4.44 6.72
N CYS A 155 -35.41 -4.47 7.66
CA CYS A 155 -34.53 -3.35 7.97
C CYS A 155 -33.11 -3.87 7.87
N TYR A 156 -32.38 -3.38 6.88
CA TYR A 156 -31.06 -3.90 6.59
C TYR A 156 -30.03 -2.79 6.72
N PHE A 157 -28.91 -3.12 7.30
CA PHE A 157 -27.76 -2.27 7.19
C PHE A 157 -27.32 -2.27 5.73
N PRO A 158 -27.19 -1.09 5.10
CA PRO A 158 -26.98 -1.05 3.63
C PRO A 158 -25.60 -1.44 3.14
N LEU A 159 -24.54 -1.44 3.95
CA LEU A 159 -23.21 -1.64 3.39
C LEU A 159 -22.82 -3.12 3.45
N GLN A 160 -22.52 -3.69 2.28
CA GLN A 160 -22.15 -5.09 2.11
C GLN A 160 -20.66 -5.21 1.85
N SER A 161 -20.10 -6.32 2.29
CA SER A 161 -18.68 -6.59 2.20
C SER A 161 -18.39 -7.45 0.97
N TYR A 162 -17.33 -7.12 0.25
CA TYR A 162 -16.84 -8.02 -0.79
C TYR A 162 -16.03 -9.12 -0.13
N GLY A 163 -16.03 -10.30 -0.75
CA GLY A 163 -15.28 -11.38 -0.15
C GLY A 163 -13.95 -11.66 -0.82
N PHE A 164 -13.06 -10.67 -0.88
CA PHE A 164 -11.93 -10.75 -1.79
C PHE A 164 -10.89 -11.71 -1.27
N GLN A 165 -10.77 -12.82 -1.95
CA GLN A 165 -10.04 -13.94 -1.54
C GLN A 165 -9.40 -14.43 -2.83
N PRO A 166 -8.09 -14.73 -2.85
CA PRO A 166 -7.53 -15.37 -4.06
C PRO A 166 -8.25 -16.69 -4.26
N THR A 167 -7.95 -17.44 -5.29
CA THR A 167 -8.75 -18.62 -5.60
C THR A 167 -10.23 -18.27 -5.73
N ASN A 168 -10.53 -17.01 -6.06
CA ASN A 168 -11.87 -16.64 -6.49
C ASN A 168 -11.87 -16.68 -8.01
N GLY A 169 -12.98 -17.13 -8.58
CA GLY A 169 -13.18 -16.92 -9.99
C GLY A 169 -12.81 -15.49 -10.34
N VAL A 170 -12.20 -15.28 -11.51
CA VAL A 170 -11.66 -13.97 -11.83
C VAL A 170 -12.75 -12.92 -11.84
N GLY A 171 -13.99 -13.32 -12.11
CA GLY A 171 -15.06 -12.35 -12.06
C GLY A 171 -15.44 -11.91 -10.66
N TYR A 172 -14.98 -12.64 -9.64
CA TYR A 172 -15.18 -12.28 -8.24
C TYR A 172 -13.91 -11.79 -7.58
N GLN A 173 -12.84 -11.61 -8.36
CA GLN A 173 -11.60 -11.03 -7.89
C GLN A 173 -11.65 -9.51 -7.93
N PRO A 174 -10.80 -8.84 -7.15
CA PRO A 174 -10.87 -7.38 -7.07
C PRO A 174 -10.21 -6.68 -8.24
N TYR A 175 -10.81 -5.54 -8.66
CA TYR A 175 -10.26 -4.69 -9.72
C TYR A 175 -10.21 -3.24 -9.25
N ARG A 176 -9.07 -2.59 -9.45
CA ARG A 176 -8.94 -1.16 -9.17
C ARG A 176 -9.34 -0.38 -10.40
N VAL A 177 -10.09 0.70 -10.20
CA VAL A 177 -10.68 1.45 -11.30
C VAL A 177 -10.31 2.92 -11.15
N VAL A 178 -10.04 3.58 -12.27
CA VAL A 178 -9.77 5.01 -12.29
C VAL A 178 -10.56 5.63 -13.43
N VAL A 179 -11.43 6.57 -13.10
CA VAL A 179 -12.21 7.28 -14.10
C VAL A 179 -11.64 8.68 -14.23
N LEU A 180 -11.21 9.01 -15.43
CA LEU A 180 -10.75 10.36 -15.71
C LEU A 180 -11.90 11.20 -16.26
N SER A 181 -12.05 12.40 -15.73
CA SER A 181 -13.04 13.34 -16.23
C SER A 181 -12.35 14.64 -16.63
N PHE A 182 -12.68 15.12 -17.82
CA PHE A 182 -12.07 16.32 -18.39
C PHE A 182 -13.11 17.42 -18.38
N GLU A 183 -12.79 18.53 -17.74
CA GLU A 183 -13.74 19.61 -17.54
C GLU A 183 -13.37 20.88 -18.32
N LEU A 184 -14.39 21.57 -18.80
CA LEU A 184 -14.22 22.67 -19.71
C LEU A 184 -14.96 23.88 -19.14
N LEU A 185 -14.21 24.71 -18.42
CA LEU A 185 -14.69 25.98 -17.90
C LEU A 185 -14.23 27.09 -18.84
N HIS A 186 -15.07 28.12 -18.93
CA HIS A 186 -14.71 29.38 -19.60
C HIS A 186 -13.64 30.14 -18.84
N ALA A 187 -12.47 29.50 -18.74
CA ALA A 187 -11.33 29.98 -17.97
C ALA A 187 -10.06 29.38 -18.56
N PRO A 188 -8.89 29.98 -18.29
CA PRO A 188 -7.66 29.42 -18.87
C PRO A 188 -7.44 27.99 -18.42
N ALA A 189 -7.46 27.07 -19.39
CA ALA A 189 -7.14 25.68 -19.13
C ALA A 189 -5.74 25.55 -18.52
N THR A 190 -5.59 24.59 -17.59
CA THR A 190 -4.38 24.46 -16.79
C THR A 190 -3.74 23.07 -16.84
N VAL A 191 -4.36 22.10 -17.51
CA VAL A 191 -3.81 20.76 -17.68
C VAL A 191 -3.74 20.49 -19.17
N CYS A 192 -2.54 20.32 -19.70
CA CYS A 192 -2.39 20.27 -21.15
C CYS A 192 -1.70 19.02 -21.66
N GLY A 193 -0.39 18.94 -21.58
CA GLY A 193 0.27 17.80 -22.14
C GLY A 193 1.15 18.19 -23.32
N PRO A 194 1.98 17.24 -23.77
CA PRO A 194 2.87 17.41 -24.92
C PRO A 194 2.17 18.02 -26.14
N ASN B 1 -6.27 -16.45 16.75
CA ASN B 1 -5.85 -17.78 16.33
C ASN B 1 -4.43 -18.08 16.84
N LEU B 2 -3.54 -18.46 15.92
CA LEU B 2 -2.14 -18.72 16.19
C LEU B 2 -1.35 -17.79 15.30
N CYS B 3 -0.55 -16.91 15.91
CA CYS B 3 -0.02 -15.74 15.21
C CYS B 3 0.77 -16.14 13.98
N PRO B 4 0.61 -15.43 12.87
CA PRO B 4 1.21 -15.78 11.58
C PRO B 4 2.62 -15.24 11.38
N PHE B 5 3.59 -15.90 12.01
CA PHE B 5 4.97 -15.58 11.69
C PHE B 5 5.35 -16.06 10.29
N GLY B 6 4.91 -17.25 9.90
CA GLY B 6 5.18 -17.76 8.57
C GLY B 6 4.85 -16.76 7.47
N GLU B 7 3.91 -15.86 7.74
CA GLU B 7 3.60 -14.87 6.72
C GLU B 7 4.71 -13.83 6.60
N VAL B 8 5.37 -13.50 7.71
CA VAL B 8 6.43 -12.51 7.71
C VAL B 8 7.79 -13.12 7.38
N PHE B 9 8.10 -14.28 7.97
CA PHE B 9 9.41 -14.90 7.77
C PHE B 9 9.52 -15.51 6.38
N ASN B 10 8.58 -16.39 6.05
CA ASN B 10 8.53 -17.11 4.78
C ASN B 10 7.96 -16.26 3.60
N ALA B 11 7.90 -14.93 3.69
CA ALA B 11 7.33 -14.10 2.62
C ALA B 11 8.28 -13.94 1.43
N THR B 12 7.71 -13.78 0.23
CA THR B 12 8.47 -13.93 -1.02
C THR B 12 9.40 -12.74 -1.26
N ARG B 13 8.87 -11.53 -1.20
CA ARG B 13 9.62 -10.29 -1.34
C ARG B 13 9.89 -9.69 0.04
N PHE B 14 11.10 -9.14 0.20
CA PHE B 14 11.49 -8.42 1.40
C PHE B 14 11.85 -6.99 1.03
N ALA B 15 11.55 -6.06 1.93
CA ALA B 15 11.74 -4.65 1.63
C ALA B 15 13.21 -4.28 1.62
N SER B 16 13.55 -3.28 0.80
CA SER B 16 14.78 -2.55 1.05
C SER B 16 14.65 -1.85 2.39
N VAL B 17 15.78 -1.75 3.09
CA VAL B 17 15.71 -1.37 4.50
C VAL B 17 15.21 0.05 4.68
N TYR B 18 15.61 0.96 3.79
CA TYR B 18 15.22 2.36 3.93
C TYR B 18 13.72 2.52 3.93
N ALA B 19 13.01 1.65 3.22
CA ALA B 19 11.56 1.60 3.28
C ALA B 19 11.10 0.31 3.96
N TRP B 20 11.75 -0.03 5.07
CA TRP B 20 11.41 -1.24 5.81
C TRP B 20 9.92 -1.33 6.04
N ASN B 21 9.44 -2.55 6.21
CA ASN B 21 8.02 -2.79 6.27
C ASN B 21 7.67 -3.37 7.63
N ARG B 22 6.49 -3.05 8.15
CA ARG B 22 6.08 -3.45 9.48
C ARG B 22 4.66 -4.03 9.44
N LYS B 23 4.52 -5.28 9.86
CA LYS B 23 3.23 -5.95 10.08
C LYS B 23 2.94 -5.97 11.58
N ARG B 24 1.68 -5.71 11.95
CA ARG B 24 1.27 -5.62 13.34
C ARG B 24 0.61 -6.92 13.77
N ILE B 25 1.03 -7.45 14.91
CA ILE B 25 0.56 -8.75 15.38
C ILE B 25 -0.22 -8.55 16.67
N SER B 26 -1.37 -9.23 16.76
CA SER B 26 -2.35 -8.91 17.78
C SER B 26 -3.41 -10.01 17.84
N ASN B 27 -3.83 -10.37 19.06
CA ASN B 27 -5.03 -11.20 19.30
C ASN B 27 -4.86 -12.63 18.81
N CYS B 28 -3.75 -13.25 19.20
CA CYS B 28 -3.44 -14.62 18.80
C CYS B 28 -2.42 -15.18 19.79
N VAL B 29 -1.97 -16.41 19.52
CA VAL B 29 -1.02 -17.13 20.38
C VAL B 29 0.22 -17.47 19.57
N ALA B 30 1.38 -17.09 20.09
CA ALA B 30 2.63 -17.21 19.35
C ALA B 30 3.50 -18.31 19.94
N ASP B 31 3.85 -19.30 19.11
CA ASP B 31 4.80 -20.33 19.52
C ASP B 31 6.18 -19.89 19.04
N TYR B 32 6.86 -19.12 19.89
CA TYR B 32 8.16 -18.57 19.60
C TYR B 32 9.23 -19.65 19.48
N SER B 33 8.99 -20.86 19.96
CA SER B 33 10.03 -21.89 19.91
C SER B 33 9.94 -22.78 18.67
N VAL B 34 8.91 -22.65 17.83
CA VAL B 34 9.09 -23.17 16.49
C VAL B 34 10.21 -22.39 15.82
N LEU B 35 10.33 -21.10 16.13
CA LEU B 35 11.40 -20.27 15.58
C LEU B 35 12.72 -20.52 16.29
N TYR B 36 12.70 -20.47 17.64
CA TYR B 36 13.92 -20.70 18.42
C TYR B 36 14.59 -22.02 18.00
N ASN B 37 13.83 -23.11 18.08
CA ASN B 37 14.33 -24.42 17.68
C ASN B 37 14.27 -24.67 16.17
N SER B 38 13.94 -23.65 15.35
CA SER B 38 14.19 -23.71 13.92
C SER B 38 15.70 -23.63 13.70
N ALA B 39 16.12 -23.61 12.43
CA ALA B 39 17.51 -23.35 12.15
C ALA B 39 17.57 -22.47 10.90
N SER B 40 18.74 -22.46 10.28
CA SER B 40 19.09 -21.51 9.24
C SER B 40 18.95 -20.05 9.69
N PHE B 41 18.94 -19.78 10.99
CA PHE B 41 19.11 -18.43 11.51
C PHE B 41 20.56 -18.22 11.90
N SER B 42 21.14 -17.11 11.45
CA SER B 42 22.53 -16.84 11.81
C SER B 42 22.64 -15.90 13.00
N THR B 43 21.55 -15.22 13.35
CA THR B 43 21.46 -14.28 14.45
C THR B 43 20.06 -14.37 15.03
N PHE B 44 19.99 -14.63 16.33
CA PHE B 44 18.73 -14.67 17.07
C PHE B 44 18.96 -13.97 18.41
N LYS B 45 19.12 -12.65 18.37
CA LYS B 45 19.27 -11.85 19.58
C LYS B 45 17.94 -11.69 20.29
N CYS B 46 18.00 -11.36 21.57
CA CYS B 46 16.83 -10.83 22.27
C CYS B 46 17.30 -9.87 23.35
N TYR B 47 16.45 -8.91 23.67
CA TYR B 47 16.79 -7.85 24.60
C TYR B 47 15.63 -7.63 25.56
N GLY B 48 15.96 -7.33 26.83
CA GLY B 48 14.99 -7.15 27.88
C GLY B 48 14.06 -8.33 28.08
N VAL B 49 14.27 -9.42 27.33
CA VAL B 49 13.51 -10.65 27.41
C VAL B 49 14.51 -11.79 27.21
N SER B 50 14.13 -13.00 27.66
CA SER B 50 15.08 -14.11 27.53
C SER B 50 14.73 -15.01 26.35
N PRO B 51 15.70 -15.50 25.59
CA PRO B 51 15.36 -16.18 24.33
C PRO B 51 14.71 -17.53 24.51
N THR B 52 15.12 -18.30 25.50
CA THR B 52 14.23 -19.30 26.06
C THR B 52 13.32 -18.60 27.06
N LYS B 53 12.22 -19.24 27.43
CA LYS B 53 11.23 -18.60 28.29
C LYS B 53 10.50 -17.47 27.56
N LEU B 54 10.24 -17.68 26.27
CA LEU B 54 9.48 -16.72 25.49
C LEU B 54 7.99 -17.03 25.53
N ASN B 55 7.63 -18.30 25.40
CA ASN B 55 6.20 -18.59 25.42
C ASN B 55 5.59 -18.48 26.81
N ASP B 56 6.35 -17.92 27.74
CA ASP B 56 5.87 -17.60 29.07
C ASP B 56 5.34 -16.17 29.17
N LEU B 57 5.30 -15.44 28.07
CA LEU B 57 4.99 -14.03 28.12
C LEU B 57 3.70 -13.75 27.39
N CYS B 58 3.04 -12.68 27.82
CA CYS B 58 1.88 -12.13 27.17
C CYS B 58 2.17 -10.67 26.84
N PHE B 59 1.59 -10.18 25.74
CA PHE B 59 1.81 -8.80 25.29
C PHE B 59 0.53 -8.19 24.73
N THR B 60 0.48 -6.86 24.75
CA THR B 60 -0.60 -6.13 24.10
C THR B 60 -0.47 -6.16 22.59
N ASN B 61 0.73 -5.93 22.08
CA ASN B 61 0.99 -5.91 20.66
C ASN B 61 2.42 -6.35 20.38
N VAL B 62 2.62 -7.01 19.24
CA VAL B 62 3.94 -7.28 18.72
C VAL B 62 4.05 -6.65 17.33
N TYR B 63 5.21 -6.06 17.04
CA TYR B 63 5.47 -5.51 15.71
C TYR B 63 6.67 -6.21 15.11
N ALA B 64 6.52 -6.64 13.88
CA ALA B 64 7.57 -7.33 13.15
C ALA B 64 8.03 -6.43 12.01
N ASP B 65 9.19 -5.82 12.15
CA ASP B 65 9.74 -5.09 11.03
C ASP B 65 10.69 -6.02 10.29
N SER B 66 10.87 -5.75 9.00
CA SER B 66 11.64 -6.66 8.15
C SER B 66 12.14 -5.94 6.91
N PHE B 67 13.31 -6.38 6.46
CA PHE B 67 14.06 -5.73 5.41
C PHE B 67 15.27 -6.58 5.11
N VAL B 68 16.00 -6.19 4.08
CA VAL B 68 17.26 -6.84 3.71
C VAL B 68 18.39 -5.85 3.96
N ILE B 69 19.49 -6.33 4.51
CA ILE B 69 20.73 -5.57 4.57
C ILE B 69 21.88 -6.53 4.29
N ARG B 70 23.10 -6.00 4.35
CA ARG B 70 24.33 -6.73 4.14
C ARG B 70 24.66 -7.55 5.38
N GLY B 71 25.56 -8.52 5.20
CA GLY B 71 26.07 -9.27 6.35
C GLY B 71 26.64 -8.44 7.49
N ASP B 72 27.65 -7.61 7.18
CA ASP B 72 28.36 -6.78 8.14
C ASP B 72 27.48 -5.75 8.84
N GLU B 73 26.23 -5.64 8.41
CA GLU B 73 25.35 -4.66 9.01
C GLU B 73 24.40 -5.24 10.04
N VAL B 74 24.46 -6.56 10.29
CA VAL B 74 23.55 -7.12 11.29
C VAL B 74 23.91 -6.63 12.70
N ARG B 75 25.21 -6.43 12.96
CA ARG B 75 25.60 -5.87 14.22
C ARG B 75 24.99 -4.50 14.47
N GLN B 76 24.50 -3.83 13.42
CA GLN B 76 23.90 -2.50 13.54
C GLN B 76 22.41 -2.53 13.88
N ILE B 77 21.79 -3.71 13.87
CA ILE B 77 20.40 -3.82 14.28
C ILE B 77 20.48 -4.32 15.71
N ALA B 78 20.56 -3.36 16.65
CA ALA B 78 20.85 -3.53 18.07
C ALA B 78 20.77 -2.18 18.76
N PRO B 79 20.42 -2.14 20.04
CA PRO B 79 20.44 -0.87 20.77
C PRO B 79 21.83 -0.26 20.83
N GLY B 80 21.88 1.06 20.61
CA GLY B 80 23.11 1.80 20.77
C GLY B 80 24.13 1.69 19.65
N GLN B 81 23.76 1.18 18.48
CA GLN B 81 24.74 1.05 17.41
C GLN B 81 24.73 2.27 16.50
N THR B 82 25.84 2.48 15.80
CA THR B 82 25.92 3.52 14.78
C THR B 82 26.46 2.93 13.49
N GLY B 83 26.20 3.65 12.42
CA GLY B 83 26.45 3.18 11.07
C GLY B 83 25.33 3.64 10.15
N LYS B 84 25.62 3.67 8.85
CA LYS B 84 24.67 4.20 7.88
C LYS B 84 23.28 3.57 8.02
N ILE B 85 23.18 2.39 8.63
CA ILE B 85 21.91 1.70 8.78
C ILE B 85 21.25 2.17 10.05
N ALA B 86 21.91 1.95 11.18
CA ALA B 86 21.33 2.33 12.46
C ALA B 86 21.11 3.83 12.56
N ASP B 87 21.77 4.63 11.73
CA ASP B 87 21.59 6.06 11.83
C ASP B 87 20.57 6.58 10.83
N TYR B 88 20.70 6.19 9.57
CA TYR B 88 19.92 6.75 8.48
C TYR B 88 18.77 5.85 8.03
N ASN B 89 18.74 4.60 8.45
CA ASN B 89 17.82 3.63 7.87
C ASN B 89 16.87 3.01 8.87
N TYR B 90 17.38 2.41 9.93
CA TYR B 90 16.54 1.73 10.91
C TYR B 90 17.22 1.90 12.26
N LYS B 91 16.58 2.63 13.20
CA LYS B 91 17.14 2.93 14.52
C LYS B 91 16.36 2.18 15.60
N LEU B 92 17.05 1.27 16.32
CA LEU B 92 16.50 0.64 17.52
C LEU B 92 16.69 1.58 18.72
N PRO B 93 15.66 1.77 19.55
CA PRO B 93 15.82 2.64 20.71
C PRO B 93 16.65 1.97 21.80
N ASP B 94 17.35 2.81 22.57
CA ASP B 94 18.26 2.31 23.61
C ASP B 94 17.59 1.36 24.57
N ASP B 95 16.28 1.48 24.73
CA ASP B 95 15.48 0.68 25.66
C ASP B 95 14.76 -0.47 24.97
N PHE B 96 15.31 -0.98 23.88
CA PHE B 96 14.60 -1.94 23.06
C PHE B 96 14.16 -3.13 23.89
N THR B 97 12.99 -3.69 23.55
CA THR B 97 12.47 -4.91 24.18
C THR B 97 11.88 -5.84 23.13
N GLY B 98 12.73 -6.69 22.58
CA GLY B 98 12.28 -7.63 21.57
C GLY B 98 13.42 -8.49 21.11
N CYS B 99 13.30 -9.00 19.89
CA CYS B 99 14.28 -9.94 19.36
C CYS B 99 14.67 -9.56 17.94
N VAL B 100 15.92 -9.83 17.60
CA VAL B 100 16.47 -9.55 16.28
C VAL B 100 16.86 -10.87 15.66
N ILE B 101 16.15 -11.24 14.60
CA ILE B 101 16.32 -12.54 13.95
C ILE B 101 16.75 -12.26 12.52
N ALA B 102 17.89 -12.83 12.12
CA ALA B 102 18.43 -12.60 10.80
C ALA B 102 18.98 -13.91 10.24
N TRP B 103 18.93 -14.02 8.91
CA TRP B 103 19.44 -15.19 8.21
C TRP B 103 19.95 -14.80 6.84
N ASN B 104 20.89 -15.60 6.31
CA ASN B 104 21.48 -15.36 5.00
C ASN B 104 20.52 -15.74 3.87
N SER B 105 20.38 -14.84 2.89
CA SER B 105 19.48 -15.02 1.75
C SER B 105 20.17 -14.73 0.43
N ASN B 106 21.46 -15.06 0.35
CA ASN B 106 22.23 -15.12 -0.89
C ASN B 106 21.40 -15.77 -2.01
N ASN B 107 21.04 -17.04 -1.80
CA ASN B 107 20.37 -17.90 -2.77
C ASN B 107 19.01 -17.44 -3.12
N LEU B 108 18.63 -16.21 -2.81
CA LEU B 108 17.32 -15.63 -3.14
C LEU B 108 17.37 -14.19 -3.58
N ASP B 109 18.40 -13.45 -3.18
CA ASP B 109 18.44 -12.00 -3.32
C ASP B 109 19.65 -11.54 -4.11
N SER B 110 20.52 -12.44 -4.54
CA SER B 110 21.70 -12.06 -5.29
C SER B 110 21.65 -12.75 -6.65
N LYS B 111 21.33 -11.97 -7.69
CA LYS B 111 21.39 -12.38 -9.08
C LYS B 111 22.83 -12.24 -9.60
N VAL B 112 23.17 -13.07 -10.59
CA VAL B 112 24.57 -13.15 -11.02
C VAL B 112 25.05 -11.81 -11.58
N GLY B 113 24.19 -11.12 -12.33
CA GLY B 113 24.54 -9.76 -12.72
C GLY B 113 24.70 -8.81 -11.55
N GLY B 114 24.19 -9.18 -10.37
CA GLY B 114 24.14 -8.30 -9.23
C GLY B 114 22.77 -7.66 -9.09
N ASN B 115 22.06 -7.92 -8.01
CA ASN B 115 20.70 -7.41 -7.79
C ASN B 115 20.77 -6.04 -7.16
N TYR B 116 20.48 -5.01 -7.95
CA TYR B 116 20.52 -3.64 -7.46
C TYR B 116 19.17 -3.13 -7.01
N ASN B 117 18.21 -4.01 -6.78
CA ASN B 117 16.91 -3.51 -6.35
C ASN B 117 16.89 -3.16 -4.88
N TYR B 118 17.85 -3.68 -4.12
CA TYR B 118 17.90 -3.47 -2.69
C TYR B 118 18.69 -2.20 -2.44
N LEU B 119 18.04 -1.24 -1.78
CA LEU B 119 18.60 0.09 -1.61
C LEU B 119 18.77 0.43 -0.13
N TYR B 120 19.55 1.48 0.14
CA TYR B 120 19.72 1.98 1.49
C TYR B 120 20.14 3.44 1.48
N ARG B 121 19.55 4.25 2.37
CA ARG B 121 19.84 5.67 2.40
C ARG B 121 21.29 5.90 2.78
N LEU B 122 22.03 6.66 1.96
CA LEU B 122 23.44 6.90 2.23
C LEU B 122 23.71 8.30 2.76
N PHE B 123 22.74 9.21 2.70
CA PHE B 123 22.94 10.56 3.19
C PHE B 123 21.69 10.98 3.97
N ARG B 124 21.88 11.89 4.91
CA ARG B 124 20.77 12.43 5.67
C ARG B 124 21.28 13.55 6.55
N LYS B 125 20.52 14.65 6.63
CA LYS B 125 20.93 15.82 7.42
C LYS B 125 21.12 15.45 8.88
N SER B 126 20.31 14.50 9.36
CA SER B 126 20.25 14.17 10.77
C SER B 126 19.88 12.70 10.89
N ASN B 127 20.11 12.13 12.08
CA ASN B 127 19.86 10.72 12.33
C ASN B 127 18.38 10.44 12.49
N LEU B 128 18.02 9.19 12.25
CA LEU B 128 16.67 8.77 12.53
C LEU B 128 16.44 8.64 14.03
N LYS B 129 15.30 9.14 14.47
CA LYS B 129 14.81 8.76 15.76
C LYS B 129 14.40 7.30 15.71
N PRO B 130 14.17 6.68 16.88
CA PRO B 130 13.83 5.26 16.89
C PRO B 130 12.52 4.96 16.18
N PHE B 131 12.51 3.83 15.48
CA PHE B 131 11.44 3.34 14.62
C PHE B 131 10.91 4.38 13.63
N GLU B 132 11.63 5.48 13.47
CA GLU B 132 11.33 6.41 12.40
C GLU B 132 11.73 5.81 11.06
N ARG B 133 11.06 6.27 10.00
CA ARG B 133 11.08 5.63 8.69
C ARG B 133 11.04 6.75 7.66
N ASP B 134 12.15 6.96 6.94
CA ASP B 134 12.25 8.04 5.99
C ASP B 134 12.36 7.46 4.59
N ILE B 135 11.46 7.90 3.69
CA ILE B 135 11.47 7.44 2.31
C ILE B 135 11.51 8.59 1.32
N SER B 136 12.09 9.72 1.71
CA SER B 136 12.15 10.77 0.72
C SER B 136 13.29 10.51 -0.24
N THR B 137 13.19 11.18 -1.37
CA THR B 137 14.16 11.04 -2.45
C THR B 137 14.72 12.39 -2.83
N GLU B 138 14.68 13.36 -1.93
CA GLU B 138 15.10 14.69 -2.30
C GLU B 138 16.62 14.78 -2.17
N ILE B 139 17.24 15.44 -3.14
CA ILE B 139 18.70 15.51 -3.25
C ILE B 139 19.31 16.04 -1.96
N TYR B 140 20.42 15.45 -1.53
CA TYR B 140 21.02 15.77 -0.25
C TYR B 140 21.97 16.96 -0.35
N GLN B 141 21.73 17.99 0.47
CA GLN B 141 22.52 19.22 0.47
C GLN B 141 23.68 19.08 1.46
N ALA B 142 24.86 18.78 0.94
CA ALA B 142 26.03 18.57 1.77
C ALA B 142 26.81 19.85 2.03
N GLY B 143 26.73 20.82 1.15
CA GLY B 143 27.42 22.06 1.31
C GLY B 143 26.45 23.16 1.67
N SER B 144 26.91 24.40 1.53
CA SER B 144 26.11 25.60 1.76
C SER B 144 25.19 25.92 0.57
N THR B 145 25.40 25.25 -0.53
CA THR B 145 24.86 25.63 -1.82
C THR B 145 23.54 24.91 -2.07
N PRO B 146 22.43 25.63 -2.19
CA PRO B 146 21.16 24.97 -2.55
C PRO B 146 21.32 24.15 -3.81
N CYS B 147 20.68 22.99 -3.84
CA CYS B 147 20.85 22.09 -4.99
C CYS B 147 19.76 22.24 -6.03
N ASN B 148 18.61 22.85 -5.70
CA ASN B 148 17.52 23.06 -6.66
C ASN B 148 17.23 21.80 -7.47
N GLY B 149 17.18 20.65 -6.80
CA GLY B 149 16.70 19.45 -7.46
C GLY B 149 17.70 18.75 -8.33
N VAL B 150 18.96 19.18 -8.35
CA VAL B 150 19.94 18.72 -9.31
C VAL B 150 21.04 17.93 -8.60
N GLU B 151 21.61 16.96 -9.31
CA GLU B 151 22.75 16.20 -8.78
C GLU B 151 24.08 16.84 -9.18
N GLY B 152 25.16 16.39 -8.54
CA GLY B 152 26.47 16.96 -8.73
C GLY B 152 27.22 17.17 -7.43
N PHE B 153 28.51 17.52 -7.48
CA PHE B 153 29.33 17.65 -6.28
C PHE B 153 28.61 18.35 -5.14
N ASN B 154 28.55 17.67 -4.00
CA ASN B 154 27.87 18.11 -2.78
C ASN B 154 26.36 18.17 -2.93
N CYS B 155 25.82 17.43 -3.89
CA CYS B 155 24.39 17.41 -4.20
C CYS B 155 24.03 16.00 -4.67
N TYR B 156 23.68 15.14 -3.74
CA TYR B 156 23.66 13.72 -3.96
C TYR B 156 22.26 13.15 -3.95
N PHE B 157 22.04 12.21 -4.82
CA PHE B 157 20.85 11.42 -4.73
C PHE B 157 20.91 10.54 -3.47
N PRO B 158 19.95 10.67 -2.55
CA PRO B 158 20.11 10.09 -1.21
C PRO B 158 20.19 8.59 -1.15
N LEU B 159 19.51 7.87 -2.03
CA LEU B 159 19.49 6.43 -1.90
C LEU B 159 20.62 5.80 -2.68
N GLN B 160 21.04 4.62 -2.23
CA GLN B 160 22.20 3.94 -2.76
C GLN B 160 21.83 2.47 -2.96
N SER B 161 22.57 1.77 -3.79
CA SER B 161 22.19 0.41 -4.12
C SER B 161 23.21 -0.59 -3.59
N TYR B 162 22.72 -1.72 -3.07
CA TYR B 162 23.61 -2.79 -2.70
C TYR B 162 24.05 -3.55 -3.94
N GLY B 163 25.30 -4.01 -3.92
CA GLY B 163 25.79 -4.79 -5.03
C GLY B 163 25.69 -6.28 -4.76
N PHE B 164 24.49 -6.82 -4.83
CA PHE B 164 24.23 -8.16 -4.28
C PHE B 164 24.51 -9.23 -5.33
N GLN B 165 25.62 -9.92 -5.18
CA GLN B 165 26.02 -11.04 -5.99
C GLN B 165 26.39 -12.24 -5.11
N PRO B 166 26.19 -13.45 -5.61
CA PRO B 166 26.88 -14.59 -5.00
C PRO B 166 28.39 -14.37 -5.11
N THR B 167 29.15 -15.29 -4.52
CA THR B 167 30.61 -15.10 -4.36
C THR B 167 31.02 -13.65 -4.11
N ASN B 168 30.17 -12.90 -3.40
CA ASN B 168 30.67 -11.83 -2.56
C ASN B 168 31.19 -12.44 -1.28
N GLY B 169 31.95 -11.66 -0.52
CA GLY B 169 32.24 -12.04 0.85
C GLY B 169 30.96 -12.26 1.64
N VAL B 170 31.02 -13.11 2.66
CA VAL B 170 29.79 -13.41 3.36
C VAL B 170 29.19 -12.15 3.97
N GLY B 171 30.04 -11.22 4.41
CA GLY B 171 29.55 -9.97 4.96
C GLY B 171 29.10 -8.95 3.93
N TYR B 172 29.25 -9.24 2.64
CA TYR B 172 28.62 -8.46 1.58
C TYR B 172 27.46 -9.20 0.96
N GLN B 173 27.05 -10.28 1.57
CA GLN B 173 25.95 -11.05 1.04
C GLN B 173 24.62 -10.56 1.64
N PRO B 174 23.51 -10.81 0.94
CA PRO B 174 22.20 -10.29 1.38
C PRO B 174 21.67 -11.05 2.58
N TYR B 175 21.36 -10.33 3.65
CA TYR B 175 20.77 -10.96 4.82
C TYR B 175 19.38 -10.40 5.02
N ARG B 176 18.45 -11.29 5.39
CA ARG B 176 17.07 -10.94 5.68
C ARG B 176 16.89 -10.87 7.19
N VAL B 177 16.38 -9.76 7.65
CA VAL B 177 16.30 -9.44 9.05
C VAL B 177 14.83 -9.36 9.43
N VAL B 178 14.53 -9.77 10.67
CA VAL B 178 13.20 -9.52 11.23
C VAL B 178 13.40 -9.08 12.68
N VAL B 179 12.90 -7.88 13.00
CA VAL B 179 12.95 -7.34 14.35
C VAL B 179 11.55 -7.38 14.92
N LEU B 180 11.40 -8.09 16.01
CA LEU B 180 10.15 -8.18 16.73
C LEU B 180 10.25 -7.32 17.98
N SER B 181 9.42 -6.28 18.09
CA SER B 181 9.35 -5.49 19.30
C SER B 181 8.00 -5.71 19.96
N PHE B 182 8.02 -5.85 21.29
CA PHE B 182 6.85 -6.15 22.10
C PHE B 182 6.41 -4.91 22.87
N GLU B 183 5.10 -4.66 22.89
CA GLU B 183 4.50 -3.50 23.54
C GLU B 183 3.66 -3.96 24.72
N LEU B 184 3.97 -3.47 25.90
CA LEU B 184 3.13 -3.67 27.09
C LEU B 184 2.38 -2.38 27.36
N LEU B 185 1.05 -2.47 27.40
CA LEU B 185 0.21 -1.29 27.58
C LEU B 185 -0.76 -1.49 28.74
N HIS B 186 -1.36 -0.37 29.18
CA HIS B 186 -2.46 -0.43 30.13
C HIS B 186 -3.65 -1.22 29.59
N ALA B 187 -3.57 -1.72 28.36
CA ALA B 187 -4.58 -2.59 27.78
C ALA B 187 -4.34 -4.03 28.22
N PRO B 188 -5.28 -4.94 27.94
CA PRO B 188 -5.01 -6.36 28.15
C PRO B 188 -4.15 -6.95 27.06
N ALA B 189 -3.33 -7.92 27.46
CA ALA B 189 -2.52 -8.69 26.53
C ALA B 189 -3.39 -9.32 25.45
N THR B 190 -2.88 -9.35 24.24
CA THR B 190 -3.54 -10.00 23.12
C THR B 190 -2.72 -11.15 22.54
N VAL B 191 -1.39 -11.03 22.54
CA VAL B 191 -0.47 -12.06 22.06
C VAL B 191 0.18 -12.72 23.27
N CYS B 192 0.12 -14.05 23.32
CA CYS B 192 0.64 -14.73 24.48
C CYS B 192 1.58 -15.88 24.16
N GLY B 193 1.03 -17.07 24.04
CA GLY B 193 1.82 -18.27 24.03
C GLY B 193 1.00 -19.36 24.70
N PRO B 194 1.20 -20.60 24.26
CA PRO B 194 0.37 -21.76 24.61
C PRO B 194 0.24 -22.02 26.12
N LEU C 2 -22.88 -22.82 6.24
CA LEU C 2 -22.46 -21.90 7.30
C LEU C 2 -23.27 -22.01 8.58
N GLN C 3 -22.55 -22.28 9.68
CA GLN C 3 -23.15 -22.77 10.90
C GLN C 3 -22.70 -21.92 12.08
N LEU C 4 -23.64 -21.66 12.99
CA LEU C 4 -23.44 -20.80 14.15
C LEU C 4 -23.73 -21.57 15.44
N VAL C 5 -22.86 -21.39 16.45
CA VAL C 5 -23.06 -21.94 17.80
C VAL C 5 -22.97 -20.80 18.81
N GLU C 6 -23.90 -20.77 19.77
CA GLU C 6 -23.84 -19.87 20.93
C GLU C 6 -23.31 -20.60 22.15
N SER C 7 -22.75 -19.82 23.07
CA SER C 7 -22.29 -20.40 24.32
C SER C 7 -22.16 -19.33 25.40
N GLY C 8 -22.98 -19.42 26.44
CA GLY C 8 -22.61 -18.70 27.64
C GLY C 8 -23.65 -18.19 28.61
N GLY C 9 -24.93 -18.47 28.38
CA GLY C 9 -25.92 -17.82 29.23
C GLY C 9 -25.94 -18.19 30.71
N GLY C 10 -27.11 -18.09 31.30
CA GLY C 10 -27.31 -18.55 32.65
C GLY C 10 -28.15 -17.57 33.44
N LEU C 11 -28.12 -17.75 34.76
CA LEU C 11 -28.86 -16.90 35.68
C LEU C 11 -27.88 -16.01 36.42
N VAL C 12 -28.25 -14.75 36.54
CA VAL C 12 -27.46 -13.75 37.23
C VAL C 12 -28.43 -12.92 38.05
N GLN C 13 -28.05 -12.59 39.28
CA GLN C 13 -28.85 -11.64 40.04
C GLN C 13 -28.72 -10.27 39.37
N ALA C 14 -29.75 -9.45 39.50
CA ALA C 14 -29.72 -8.18 38.79
C ALA C 14 -28.50 -7.36 39.20
N GLY C 15 -27.84 -6.75 38.21
CA GLY C 15 -26.61 -5.99 38.41
C GLY C 15 -25.36 -6.71 37.96
N GLY C 16 -25.43 -8.02 37.74
CA GLY C 16 -24.26 -8.80 37.37
C GLY C 16 -23.89 -8.63 35.91
N SER C 17 -23.22 -9.64 35.37
CA SER C 17 -22.67 -9.54 34.03
C SER C 17 -22.37 -10.92 33.49
N LEU C 18 -22.79 -11.18 32.24
CA LEU C 18 -22.42 -12.35 31.48
C LEU C 18 -21.70 -11.93 30.22
N ARG C 19 -21.10 -12.92 29.57
CA ARG C 19 -20.52 -12.70 28.24
C ARG C 19 -21.01 -13.82 27.35
N LEU C 20 -21.58 -13.45 26.21
CA LEU C 20 -22.03 -14.41 25.22
C LEU C 20 -20.98 -14.54 24.13
N SER C 21 -20.76 -15.75 23.68
CA SER C 21 -19.86 -15.98 22.58
C SER C 21 -20.55 -16.89 21.57
N CYS C 22 -20.11 -16.73 20.33
CA CYS C 22 -20.78 -17.23 19.13
C CYS C 22 -19.70 -17.55 18.12
N ALA C 23 -19.43 -18.85 17.93
CA ALA C 23 -18.45 -19.30 16.97
C ALA C 23 -19.14 -19.60 15.65
N ALA C 24 -18.53 -19.19 14.54
CA ALA C 24 -19.07 -19.44 13.21
C ALA C 24 -18.19 -20.45 12.47
N SER C 25 -18.82 -21.32 11.68
CA SER C 25 -18.13 -22.46 11.10
C SER C 25 -18.24 -22.42 9.58
N GLY C 26 -17.49 -21.52 8.93
CA GLY C 26 -16.73 -20.43 9.54
C GLY C 26 -16.46 -19.29 8.56
N GLY C 27 -17.40 -18.35 8.48
CA GLY C 27 -17.56 -17.39 7.38
C GLY C 27 -16.37 -16.65 6.79
N THR C 28 -16.48 -16.00 5.61
CA THR C 28 -17.68 -15.54 4.86
C THR C 28 -18.63 -14.78 5.80
N PHE C 29 -19.91 -14.63 5.41
CA PHE C 29 -20.87 -13.63 5.92
C PHE C 29 -20.31 -12.20 5.94
N SER C 30 -21.15 -11.20 6.17
CA SER C 30 -20.66 -9.83 6.10
C SER C 30 -20.96 -8.99 7.33
N ARG C 31 -21.75 -9.50 8.27
CA ARG C 31 -22.22 -8.73 9.41
C ARG C 31 -22.88 -9.70 10.35
N SER C 32 -22.52 -9.61 11.62
CA SER C 32 -23.12 -10.47 12.63
C SER C 32 -23.70 -9.59 13.72
N GLY C 33 -24.83 -10.05 14.28
CA GLY C 33 -25.52 -9.28 15.29
C GLY C 33 -26.11 -10.20 16.33
N TRP C 34 -26.62 -9.60 17.39
CA TRP C 34 -27.29 -10.36 18.42
C TRP C 34 -28.75 -9.90 18.50
N PHE C 35 -29.64 -10.87 18.62
CA PHE C 35 -31.07 -10.63 18.76
C PHE C 35 -31.53 -11.36 20.02
N ARG C 36 -32.66 -10.96 20.57
CA ARG C 36 -33.16 -11.64 21.75
C ARG C 36 -34.66 -11.82 21.67
N GLN C 37 -35.15 -12.84 22.37
CA GLN C 37 -36.58 -13.17 22.37
C GLN C 37 -37.05 -13.41 23.80
N ALA C 38 -37.79 -12.43 24.37
CA ALA C 38 -38.48 -12.72 25.62
C ALA C 38 -39.70 -13.59 25.35
N PRO C 39 -40.13 -14.39 26.31
CA PRO C 39 -41.32 -15.22 26.09
C PRO C 39 -42.54 -14.33 25.82
N GLY C 40 -43.31 -14.70 24.79
CA GLY C 40 -44.50 -13.94 24.45
C GLY C 40 -44.26 -12.60 23.79
N LYS C 41 -43.01 -12.20 23.59
CA LYS C 41 -42.68 -11.01 22.81
C LYS C 41 -42.17 -11.43 21.43
N GLU C 42 -42.01 -10.44 20.56
CA GLU C 42 -41.40 -10.63 19.25
C GLU C 42 -39.90 -10.36 19.34
N ARG C 43 -39.15 -10.87 18.36
CA ARG C 43 -37.69 -10.96 18.42
C ARG C 43 -37.06 -9.58 18.24
N GLU C 44 -36.63 -8.97 19.34
CA GLU C 44 -36.03 -7.63 19.32
C GLU C 44 -34.55 -7.67 18.93
N PHE C 45 -34.11 -6.66 18.21
CA PHE C 45 -32.69 -6.49 17.92
C PHE C 45 -31.94 -5.90 19.11
N VAL C 46 -30.71 -6.37 19.30
CA VAL C 46 -29.87 -5.99 20.44
C VAL C 46 -28.65 -5.19 20.00
N ALA C 47 -27.79 -5.80 19.17
CA ALA C 47 -26.57 -5.13 18.74
C ALA C 47 -25.95 -5.89 17.60
N ALA C 48 -25.19 -5.17 16.76
CA ALA C 48 -24.55 -5.77 15.59
C ALA C 48 -23.31 -4.99 15.18
N ILE C 49 -22.42 -5.70 14.47
CA ILE C 49 -21.13 -5.20 14.00
C ILE C 49 -20.69 -6.01 12.76
N SER C 50 -20.07 -5.38 11.78
CA SER C 50 -19.74 -6.08 10.54
C SER C 50 -18.26 -6.46 10.46
N ARG C 51 -17.96 -7.37 9.51
CA ARG C 51 -16.65 -7.99 9.38
C ARG C 51 -15.56 -7.06 8.90
N ALA C 52 -15.85 -5.78 8.69
CA ALA C 52 -15.04 -4.97 7.80
C ALA C 52 -14.06 -4.06 8.53
N ASP C 53 -13.63 -4.44 9.72
CA ASP C 53 -12.71 -3.61 10.51
C ASP C 53 -13.28 -2.21 10.75
N VAL C 54 -13.35 -1.40 9.70
CA VAL C 54 -13.79 0.00 9.84
C VAL C 54 -15.26 0.08 10.25
N GLY C 55 -15.58 -0.35 11.48
CA GLY C 55 -16.95 -0.32 11.95
C GLY C 55 -17.61 -1.68 11.88
N PHE C 56 -18.93 -1.72 11.98
CA PHE C 56 -19.83 -0.56 12.07
C PHE C 56 -20.86 -0.77 13.16
N PRO C 57 -20.45 -0.63 14.41
CA PRO C 57 -21.28 -1.10 15.52
C PRO C 57 -22.63 -0.39 15.59
N ASN C 58 -23.60 -1.11 16.13
CA ASN C 58 -24.99 -0.65 16.16
C ASN C 58 -25.69 -1.31 17.33
N TYR C 59 -26.29 -0.52 18.21
CA TYR C 59 -26.93 -1.04 19.40
C TYR C 59 -28.35 -0.48 19.50
N ALA C 60 -29.24 -1.26 20.09
CA ALA C 60 -30.54 -0.72 20.46
C ALA C 60 -30.37 0.24 21.63
N ASP C 61 -31.40 1.05 21.91
CA ASP C 61 -31.27 2.06 22.96
C ASP C 61 -31.32 1.50 24.37
N SER C 62 -32.15 0.48 24.61
CA SER C 62 -32.24 -0.10 25.96
C SER C 62 -30.87 -0.49 26.50
N VAL C 63 -30.04 -1.12 25.67
CA VAL C 63 -28.77 -1.65 26.13
C VAL C 63 -27.60 -0.79 25.68
N LYS C 64 -27.87 0.36 25.09
CA LYS C 64 -26.77 1.26 24.78
C LYS C 64 -26.02 1.58 26.06
N GLY C 65 -24.70 1.40 26.03
CA GLY C 65 -23.88 1.72 27.16
C GLY C 65 -23.73 0.61 28.19
N ARG C 66 -24.65 -0.35 28.22
CA ARG C 66 -24.52 -1.54 29.04
C ARG C 66 -23.94 -2.73 28.30
N PHE C 67 -24.07 -2.78 26.97
CA PHE C 67 -23.61 -3.91 26.18
C PHE C 67 -22.51 -3.49 25.22
N THR C 68 -21.59 -4.41 24.99
CA THR C 68 -20.50 -4.21 24.05
C THR C 68 -20.39 -5.44 23.18
N ILE C 69 -20.38 -5.23 21.86
CA ILE C 69 -20.12 -6.29 20.88
C ILE C 69 -18.68 -6.12 20.39
N SER C 70 -18.08 -7.23 19.96
CA SER C 70 -16.71 -7.27 19.51
C SER C 70 -16.55 -8.55 18.72
N ARG C 71 -15.72 -8.50 17.68
CA ARG C 71 -15.42 -9.72 16.94
C ARG C 71 -13.92 -10.01 16.99
N ASP C 72 -13.59 -11.23 16.57
CA ASP C 72 -12.23 -11.74 16.32
C ASP C 72 -12.30 -12.43 14.96
N ASN C 73 -11.81 -11.77 13.88
CA ASN C 73 -12.01 -12.32 12.55
C ASN C 73 -11.18 -13.57 12.31
N ALA C 74 -9.93 -13.57 12.77
CA ALA C 74 -9.07 -14.75 12.64
C ALA C 74 -9.73 -15.99 13.27
N LYS C 75 -10.29 -15.84 14.47
CA LYS C 75 -10.98 -16.93 15.15
C LYS C 75 -12.39 -17.15 14.63
N ASN C 76 -12.91 -16.21 13.82
CA ASN C 76 -14.29 -16.23 13.31
C ASN C 76 -15.31 -16.40 14.43
N THR C 77 -15.19 -15.56 15.46
CA THR C 77 -16.10 -15.55 16.60
C THR C 77 -16.58 -14.13 16.86
N VAL C 78 -17.75 -14.01 17.49
CA VAL C 78 -18.34 -12.70 17.79
C VAL C 78 -18.93 -12.71 19.20
N TYR C 79 -18.47 -11.80 20.06
CA TYR C 79 -18.81 -11.77 21.48
C TYR C 79 -19.77 -10.63 21.81
N LEU C 80 -20.50 -10.78 22.92
CA LEU C 80 -21.38 -9.71 23.41
C LEU C 80 -21.20 -9.58 24.92
N GLN C 81 -20.53 -8.51 25.36
CA GLN C 81 -20.32 -8.28 26.79
C GLN C 81 -21.55 -7.59 27.37
N MET C 82 -22.14 -8.22 28.39
CA MET C 82 -23.40 -7.79 28.97
C MET C 82 -23.14 -7.32 30.41
N ASN C 83 -23.26 -6.02 30.64
CA ASN C 83 -22.95 -5.43 31.92
C ASN C 83 -24.21 -4.81 32.49
N SER C 84 -24.17 -4.50 33.79
CA SER C 84 -25.24 -3.73 34.43
C SER C 84 -26.60 -4.35 34.16
N LEU C 85 -26.63 -5.68 34.09
CA LEU C 85 -27.81 -6.42 33.69
C LEU C 85 -29.03 -6.05 34.51
N LYS C 86 -30.18 -6.01 33.86
CA LYS C 86 -31.45 -5.71 34.47
C LYS C 86 -32.37 -6.90 34.25
N PRO C 87 -33.41 -7.08 35.07
CA PRO C 87 -34.35 -8.19 34.82
C PRO C 87 -35.15 -8.04 33.54
N GLU C 88 -35.25 -6.83 33.00
CA GLU C 88 -35.82 -6.66 31.68
C GLU C 88 -34.94 -7.29 30.60
N ASP C 89 -33.70 -7.67 30.93
CA ASP C 89 -32.85 -8.27 29.92
C ASP C 89 -32.99 -9.78 29.84
N THR C 90 -33.99 -10.36 30.51
CA THR C 90 -34.18 -11.81 30.50
C THR C 90 -34.87 -12.26 29.23
N ALA C 91 -34.26 -13.22 28.53
CA ALA C 91 -34.71 -13.72 27.23
C ALA C 91 -33.75 -14.76 26.65
N VAL C 92 -34.07 -15.32 25.48
CA VAL C 92 -33.13 -16.17 24.74
C VAL C 92 -32.40 -15.32 23.71
N TYR C 93 -31.10 -15.57 23.59
CA TYR C 93 -30.21 -14.71 22.81
C TYR C 93 -29.68 -15.51 21.63
N TYR C 94 -29.99 -15.06 20.41
CA TYR C 94 -29.50 -15.68 19.18
C TYR C 94 -28.52 -14.74 18.49
N CYS C 95 -27.36 -15.26 18.07
CA CYS C 95 -26.53 -14.53 17.11
C CYS C 95 -26.88 -14.98 15.71
N ALA C 96 -26.73 -14.06 14.76
CA ALA C 96 -27.01 -14.35 13.36
C ALA C 96 -26.04 -13.55 12.51
N ALA C 97 -25.65 -14.12 11.38
CA ALA C 97 -24.84 -13.43 10.38
C ALA C 97 -25.65 -13.25 9.09
N THR C 98 -25.22 -12.30 8.28
CA THR C 98 -25.87 -12.03 6.99
C THR C 98 -25.14 -12.76 5.87
N SER C 99 -25.87 -13.06 4.80
CA SER C 99 -25.24 -13.74 3.67
C SER C 99 -24.38 -12.75 2.89
N LEU C 100 -23.21 -13.21 2.46
CA LEU C 100 -22.40 -12.36 1.60
C LEU C 100 -23.17 -11.92 0.37
N GLN C 101 -24.10 -12.77 -0.09
CA GLN C 101 -24.92 -12.50 -1.27
C GLN C 101 -26.00 -11.45 -0.97
N SER C 102 -27.06 -11.82 -0.23
CA SER C 102 -28.08 -10.86 0.19
C SER C 102 -27.75 -10.27 1.55
N GLY C 103 -28.16 -9.03 1.76
CA GLY C 103 -27.85 -8.41 3.04
C GLY C 103 -28.75 -8.80 4.20
N LYS C 104 -29.45 -9.93 4.12
CA LYS C 104 -30.40 -10.40 5.13
C LYS C 104 -29.72 -11.35 6.10
N TYR C 105 -30.29 -11.46 7.30
CA TYR C 105 -29.76 -12.35 8.34
C TYR C 105 -30.28 -13.76 8.10
N ASP C 106 -29.46 -14.60 7.48
CA ASP C 106 -29.91 -15.90 7.04
C ASP C 106 -29.50 -17.03 7.95
N TYR C 107 -28.36 -16.93 8.63
CA TYR C 107 -27.82 -18.01 9.45
C TYR C 107 -28.02 -17.68 10.92
N TRP C 108 -28.58 -18.62 11.67
CA TRP C 108 -28.96 -18.38 13.05
C TRP C 108 -28.33 -19.41 13.97
N GLY C 109 -27.94 -18.98 15.16
CA GLY C 109 -27.56 -19.90 16.18
C GLY C 109 -28.78 -20.54 16.81
N GLN C 110 -28.52 -21.49 17.70
CA GLN C 110 -29.62 -22.22 18.32
C GLN C 110 -30.35 -21.43 19.39
N GLY C 111 -29.70 -20.45 20.00
CA GLY C 111 -30.23 -19.77 21.17
C GLY C 111 -29.43 -20.08 22.42
N THR C 112 -29.47 -19.16 23.38
CA THR C 112 -28.86 -19.39 24.68
C THR C 112 -29.64 -18.59 25.71
N GLN C 113 -30.08 -19.29 26.75
CA GLN C 113 -31.02 -18.70 27.69
C GLN C 113 -30.26 -17.82 28.66
N VAL C 114 -30.74 -16.58 28.82
CA VAL C 114 -30.18 -15.62 29.76
C VAL C 114 -31.28 -15.13 30.71
N THR C 115 -31.09 -15.40 32.01
CA THR C 115 -32.02 -15.03 33.05
C THR C 115 -31.37 -13.94 33.90
N VAL C 116 -32.16 -13.05 34.48
CA VAL C 116 -31.63 -12.03 35.39
C VAL C 116 -32.62 -11.81 36.53
N SER C 117 -32.29 -12.30 37.73
CA SER C 117 -33.14 -12.12 38.92
C SER C 117 -33.06 -10.69 39.46
N GLN D 1 38.63 -1.61 -11.73
CA GLN D 1 38.45 -0.31 -12.38
C GLN D 1 37.36 -0.43 -13.44
N LEU D 2 36.48 0.55 -13.47
CA LEU D 2 35.31 0.55 -14.32
C LEU D 2 35.48 1.65 -15.37
N GLN D 3 35.08 1.37 -16.61
CA GLN D 3 35.31 2.31 -17.70
C GLN D 3 34.00 2.68 -18.37
N LEU D 4 33.85 3.96 -18.70
CA LEU D 4 32.70 4.45 -19.44
C LEU D 4 33.18 4.94 -20.80
N VAL D 5 32.53 4.52 -21.86
CA VAL D 5 32.90 4.94 -23.21
C VAL D 5 31.66 5.47 -23.90
N GLU D 6 31.67 6.75 -24.23
CA GLU D 6 30.55 7.38 -24.89
C GLU D 6 30.64 7.20 -26.41
N SER D 7 29.51 7.41 -27.08
CA SER D 7 29.51 7.25 -28.53
C SER D 7 28.50 8.19 -29.20
N GLY D 8 29.01 9.21 -29.86
CA GLY D 8 28.25 9.78 -30.93
C GLY D 8 27.60 11.13 -30.73
N GLY D 9 28.35 12.20 -30.95
CA GLY D 9 27.76 13.52 -31.08
C GLY D 9 27.81 14.06 -32.49
N GLY D 10 28.07 15.35 -32.61
CA GLY D 10 28.31 15.95 -33.89
C GLY D 10 27.49 17.20 -34.06
N LEU D 11 27.28 17.58 -35.31
CA LEU D 11 26.62 18.82 -35.64
C LEU D 11 25.15 18.54 -35.90
N VAL D 12 24.28 19.46 -35.47
CA VAL D 12 22.83 19.30 -35.59
C VAL D 12 22.21 20.68 -35.83
N GLN D 13 21.24 20.73 -36.75
CA GLN D 13 20.46 21.96 -36.89
C GLN D 13 19.59 22.17 -35.67
N ALA D 14 19.41 23.44 -35.30
CA ALA D 14 18.36 23.80 -34.36
C ALA D 14 17.08 23.03 -34.68
N GLY D 15 16.59 22.24 -33.74
CA GLY D 15 15.41 21.42 -33.96
C GLY D 15 15.70 19.94 -34.09
N GLY D 16 16.96 19.54 -34.29
CA GLY D 16 17.32 18.16 -34.49
C GLY D 16 17.17 17.32 -33.23
N SER D 17 17.52 16.01 -33.38
CA SER D 17 17.36 14.98 -32.33
C SER D 17 18.51 13.99 -32.44
N LEU D 18 19.62 14.34 -31.81
CA LEU D 18 20.67 13.40 -31.49
C LEU D 18 20.25 12.36 -30.44
N ARG D 19 21.00 11.25 -30.43
CA ARG D 19 20.99 10.26 -29.36
C ARG D 19 22.41 9.93 -28.94
N LEU D 20 22.72 10.18 -27.68
CA LEU D 20 23.99 9.83 -27.06
C LEU D 20 23.90 8.49 -26.34
N SER D 21 25.04 7.82 -26.22
CA SER D 21 25.11 6.50 -25.61
C SER D 21 26.39 6.36 -24.81
N CYS D 22 26.41 5.32 -23.97
CA CYS D 22 27.49 5.12 -23.00
C CYS D 22 27.50 3.64 -22.66
N ALA D 23 28.65 2.99 -22.82
CA ALA D 23 28.80 1.60 -22.42
C ALA D 23 29.79 1.53 -21.28
N ALA D 24 29.39 0.88 -20.19
CA ALA D 24 30.16 0.77 -18.96
C ALA D 24 30.81 -0.60 -18.93
N SER D 25 32.08 -0.63 -19.27
CA SER D 25 32.76 -1.89 -19.53
C SER D 25 33.28 -2.48 -18.23
N GLY D 26 32.68 -3.60 -17.83
CA GLY D 26 33.29 -4.47 -16.85
C GLY D 26 33.26 -3.87 -15.47
N GLY D 27 32.08 -3.41 -15.08
CA GLY D 27 31.98 -2.70 -13.82
C GLY D 27 30.53 -2.53 -13.39
N THR D 28 30.42 -1.97 -12.18
CA THR D 28 29.22 -1.97 -11.37
C THR D 28 29.23 -0.73 -10.47
N PHE D 29 28.05 -0.14 -10.28
CA PHE D 29 27.82 1.23 -9.85
C PHE D 29 26.33 1.34 -9.59
N SER D 30 25.89 2.47 -9.04
CA SER D 30 24.49 2.57 -8.64
C SER D 30 23.68 3.55 -9.45
N ARG D 31 24.29 4.62 -9.95
CA ARG D 31 23.55 5.64 -10.67
C ARG D 31 24.45 6.16 -11.77
N SER D 32 23.83 6.46 -12.90
CA SER D 32 24.47 6.95 -14.10
C SER D 32 23.87 8.31 -14.42
N GLY D 33 24.71 9.22 -14.91
CA GLY D 33 24.26 10.56 -15.20
C GLY D 33 24.92 11.11 -16.44
N TRP D 34 24.30 12.14 -16.98
CA TRP D 34 24.86 12.88 -18.10
C TRP D 34 25.09 14.31 -17.66
N PHE D 35 26.25 14.85 -18.03
CA PHE D 35 26.66 16.21 -17.74
C PHE D 35 27.20 16.84 -19.01
N ARG D 36 27.00 18.15 -19.14
CA ARG D 36 27.54 18.92 -20.25
C ARG D 36 28.41 20.06 -19.74
N GLN D 37 29.50 20.33 -20.48
CA GLN D 37 30.41 21.44 -20.25
C GLN D 37 30.45 22.31 -21.50
N ALA D 38 29.89 23.51 -21.40
CA ALA D 38 29.90 24.50 -22.47
C ALA D 38 31.28 25.16 -22.55
N PRO D 39 31.64 25.73 -23.70
CA PRO D 39 32.94 26.42 -23.79
C PRO D 39 32.91 27.68 -22.96
N GLY D 40 33.87 27.80 -22.05
CA GLY D 40 33.91 28.88 -21.07
C GLY D 40 33.25 28.63 -19.74
N LYS D 41 32.02 28.12 -19.75
CA LYS D 41 31.24 27.93 -18.53
C LYS D 41 31.73 26.69 -17.76
N GLU D 42 31.05 26.41 -16.64
CA GLU D 42 31.38 25.33 -15.73
C GLU D 42 30.46 24.13 -15.92
N ARG D 43 31.01 22.93 -15.70
CA ARG D 43 30.32 21.69 -16.03
C ARG D 43 29.00 21.59 -15.26
N GLU D 44 27.97 21.07 -15.94
CA GLU D 44 26.57 21.23 -15.51
C GLU D 44 25.84 19.90 -15.64
N PHE D 45 24.78 19.74 -14.86
CA PHE D 45 24.03 18.50 -14.80
C PHE D 45 22.92 18.47 -15.83
N VAL D 46 22.65 17.28 -16.37
CA VAL D 46 21.65 17.13 -17.42
C VAL D 46 20.57 16.13 -16.97
N ALA D 47 20.98 14.88 -16.70
CA ALA D 47 20.05 13.92 -16.13
C ALA D 47 20.80 12.72 -15.61
N ALA D 48 20.16 11.98 -14.70
CA ALA D 48 20.70 10.72 -14.19
C ALA D 48 19.59 9.68 -14.03
N ILE D 49 20.00 8.45 -13.72
CA ILE D 49 19.07 7.34 -13.55
C ILE D 49 19.83 6.21 -12.88
N SER D 50 19.16 5.42 -12.06
CA SER D 50 19.85 4.44 -11.24
C SER D 50 19.46 3.02 -11.65
N ARG D 51 20.23 2.06 -11.12
CA ARG D 51 20.21 0.70 -11.66
C ARG D 51 18.88 -0.02 -11.51
N ALA D 52 18.05 0.32 -10.53
CA ALA D 52 16.86 -0.50 -10.25
C ALA D 52 15.55 0.08 -10.80
N ASP D 53 15.29 1.36 -10.56
CA ASP D 53 14.01 1.96 -10.90
C ASP D 53 14.27 3.03 -11.92
N VAL D 54 13.86 2.71 -13.16
CA VAL D 54 13.53 3.64 -14.25
C VAL D 54 12.32 4.47 -13.82
N GLY D 55 11.99 4.39 -12.52
CA GLY D 55 11.29 5.42 -11.78
C GLY D 55 12.15 6.16 -10.76
N PHE D 56 13.51 6.25 -10.95
CA PHE D 56 14.18 7.27 -10.16
C PHE D 56 14.92 8.34 -10.94
N PRO D 57 14.33 8.91 -11.99
CA PRO D 57 15.12 9.77 -12.87
C PRO D 57 14.95 11.26 -12.60
N ASN D 58 16.05 11.98 -12.71
CA ASN D 58 16.14 13.39 -12.39
C ASN D 58 16.57 14.10 -13.65
N TYR D 59 16.01 15.28 -13.93
CA TYR D 59 16.43 16.04 -15.10
C TYR D 59 16.66 17.48 -14.69
N ALA D 60 17.62 18.10 -15.35
CA ALA D 60 17.74 19.55 -15.23
C ALA D 60 16.48 20.21 -15.79
N ASP D 61 16.13 21.39 -15.25
CA ASP D 61 14.89 22.02 -15.67
C ASP D 61 14.97 22.44 -17.14
N SER D 62 16.15 22.89 -17.57
CA SER D 62 16.33 23.35 -18.94
C SER D 62 16.34 22.23 -19.96
N VAL D 63 16.00 21.00 -19.59
CA VAL D 63 15.92 19.94 -20.59
C VAL D 63 14.67 19.11 -20.41
N LYS D 64 14.02 19.24 -19.24
CA LYS D 64 12.76 18.55 -19.02
C LYS D 64 11.86 18.68 -20.23
N GLY D 65 11.19 17.58 -20.57
CA GLY D 65 10.32 17.53 -21.71
C GLY D 65 11.06 17.12 -22.94
N ARG D 66 12.25 17.67 -23.15
CA ARG D 66 13.02 17.44 -24.38
C ARG D 66 14.00 16.27 -24.31
N PHE D 67 14.73 16.08 -23.21
CA PHE D 67 15.66 14.97 -23.15
C PHE D 67 15.02 13.80 -22.39
N THR D 68 15.53 12.60 -22.66
CA THR D 68 15.14 11.41 -21.90
C THR D 68 16.34 10.49 -21.70
N ILE D 69 16.56 10.11 -20.48
CA ILE D 69 17.59 9.13 -20.17
C ILE D 69 16.96 7.76 -20.21
N SER D 70 17.78 6.77 -20.55
CA SER D 70 17.33 5.44 -20.89
C SER D 70 18.35 4.48 -20.32
N ARG D 71 17.89 3.37 -19.77
CA ARG D 71 18.79 2.44 -19.14
C ARG D 71 18.58 1.10 -19.83
N ASP D 72 19.65 0.36 -20.04
CA ASP D 72 19.58 -1.00 -20.58
C ASP D 72 20.47 -1.89 -19.74
N ASN D 73 19.90 -2.44 -18.66
CA ASN D 73 20.72 -3.16 -17.69
C ASN D 73 21.37 -4.40 -18.33
N ALA D 74 20.82 -4.89 -19.44
CA ALA D 74 21.42 -6.01 -20.15
C ALA D 74 22.84 -5.68 -20.61
N LYS D 75 22.97 -4.89 -21.69
CA LYS D 75 24.19 -4.40 -22.31
C LYS D 75 25.06 -3.41 -21.37
N ASN D 76 24.67 -3.16 -20.11
CA ASN D 76 25.33 -2.18 -19.21
C ASN D 76 25.55 -0.84 -19.92
N THR D 77 24.44 -0.22 -20.35
CA THR D 77 24.47 0.97 -21.20
C THR D 77 23.35 1.94 -20.86
N VAL D 78 23.66 3.24 -20.99
CA VAL D 78 22.75 4.33 -20.72
C VAL D 78 22.62 5.14 -22.00
N TYR D 79 21.42 5.66 -22.28
CA TYR D 79 21.17 6.43 -23.48
C TYR D 79 20.61 7.78 -23.12
N LEU D 80 20.87 8.79 -23.95
CA LEU D 80 20.36 10.14 -23.73
C LEU D 80 19.70 10.63 -25.01
N GLN D 81 18.39 10.43 -25.13
CA GLN D 81 17.68 10.95 -26.28
C GLN D 81 17.49 12.44 -26.13
N MET D 82 17.93 13.20 -27.13
CA MET D 82 17.89 14.65 -27.12
C MET D 82 17.02 15.12 -28.26
N ASN D 83 16.00 15.92 -27.94
CA ASN D 83 14.99 16.35 -28.91
C ASN D 83 14.80 17.86 -28.79
N SER D 84 14.45 18.49 -29.90
CA SER D 84 14.14 19.91 -29.93
C SER D 84 15.34 20.77 -29.60
N LEU D 85 16.54 20.31 -29.96
CA LEU D 85 17.76 20.95 -29.50
C LEU D 85 17.77 22.43 -29.84
N LYS D 86 18.59 23.18 -29.12
CA LYS D 86 18.76 24.62 -29.25
C LYS D 86 20.23 24.92 -29.13
N PRO D 87 20.71 26.09 -29.61
CA PRO D 87 22.14 26.41 -29.47
C PRO D 87 22.64 26.41 -28.03
N GLU D 88 21.78 26.83 -27.10
CA GLU D 88 22.02 26.66 -25.67
C GLU D 88 22.45 25.26 -25.32
N ASP D 89 22.05 24.26 -26.10
CA ASP D 89 22.49 22.91 -25.83
C ASP D 89 23.93 22.64 -26.28
N THR D 90 24.56 23.54 -27.07
CA THR D 90 25.91 23.28 -27.57
C THR D 90 26.90 23.06 -26.42
N ALA D 91 27.44 21.85 -26.26
CA ALA D 91 28.46 21.58 -25.24
C ALA D 91 29.14 20.24 -25.50
N VAL D 92 29.96 19.81 -24.55
CA VAL D 92 30.58 18.50 -24.55
C VAL D 92 29.90 17.68 -23.48
N TYR D 93 29.39 16.52 -23.85
CA TYR D 93 28.53 15.74 -22.98
C TYR D 93 29.33 14.59 -22.37
N TYR D 94 29.39 14.57 -21.05
CA TYR D 94 30.11 13.55 -20.29
C TYR D 94 29.12 12.60 -19.64
N CYS D 95 29.43 11.33 -19.68
CA CYS D 95 28.71 10.32 -18.93
C CYS D 95 29.46 10.04 -17.64
N ALA D 96 28.71 9.72 -16.58
CA ALA D 96 29.39 9.40 -15.32
C ALA D 96 28.56 8.43 -14.50
N ALA D 97 29.24 7.69 -13.64
CA ALA D 97 28.62 6.71 -12.74
C ALA D 97 29.07 6.94 -11.32
N THR D 98 28.16 6.68 -10.38
CA THR D 98 28.49 6.84 -8.98
C THR D 98 29.03 5.52 -8.43
N SER D 99 30.09 5.60 -7.62
CA SER D 99 30.71 4.39 -7.08
C SER D 99 29.76 3.71 -6.10
N LEU D 100 29.80 2.38 -6.10
CA LEU D 100 28.97 1.66 -5.14
C LEU D 100 29.26 2.08 -3.71
N GLN D 101 30.48 2.55 -3.43
CA GLN D 101 30.89 2.90 -2.08
C GLN D 101 30.50 4.33 -1.73
N SER D 102 31.32 5.31 -2.09
CA SER D 102 30.90 6.70 -1.98
C SER D 102 29.87 6.99 -3.06
N GLY D 103 28.70 7.51 -2.67
CA GLY D 103 27.66 7.67 -3.68
C GLY D 103 27.82 8.89 -4.57
N LYS D 104 29.04 9.17 -4.99
CA LYS D 104 29.39 10.39 -5.70
C LYS D 104 29.82 10.01 -7.11
N TYR D 105 29.78 10.98 -8.03
CA TYR D 105 30.09 10.70 -9.44
C TYR D 105 31.60 10.63 -9.60
N ASP D 106 32.13 9.42 -9.51
CA ASP D 106 33.57 9.20 -9.44
C ASP D 106 34.17 8.70 -10.75
N TYR D 107 33.37 8.08 -11.62
CA TYR D 107 33.86 7.47 -12.86
C TYR D 107 33.27 8.21 -14.06
N TRP D 108 34.13 8.57 -15.01
CA TRP D 108 33.75 9.52 -16.03
C TRP D 108 34.09 9.01 -17.42
N GLY D 109 33.20 9.33 -18.36
CA GLY D 109 33.51 9.19 -19.77
C GLY D 109 34.33 10.35 -20.29
N GLN D 110 34.76 10.22 -21.54
CA GLN D 110 35.75 11.14 -22.10
C GLN D 110 35.12 12.28 -22.87
N GLY D 111 33.82 12.52 -22.71
CA GLY D 111 33.17 13.63 -23.36
C GLY D 111 32.89 13.35 -24.83
N THR D 112 31.99 14.14 -25.39
CA THR D 112 31.74 14.09 -26.82
C THR D 112 31.10 15.41 -27.20
N GLN D 113 31.59 16.02 -28.27
CA GLN D 113 31.09 17.34 -28.64
C GLN D 113 29.71 17.24 -29.29
N VAL D 114 28.80 18.14 -28.89
CA VAL D 114 27.54 18.34 -29.58
C VAL D 114 27.41 19.83 -29.91
N THR D 115 27.18 20.12 -31.19
CA THR D 115 27.04 21.48 -31.71
C THR D 115 25.66 21.62 -32.32
N VAL D 116 24.98 22.74 -32.03
CA VAL D 116 23.62 22.99 -32.53
C VAL D 116 23.54 24.39 -33.12
N SER D 117 23.01 24.51 -34.34
CA SER D 117 22.94 25.82 -35.01
C SER D 117 21.57 26.21 -35.59
#